data_4FO5
#
_entry.id   4FO5
#
_cell.length_a   33.164
_cell.length_b   49.343
_cell.length_c   40.523
_cell.angle_alpha   90.000
_cell.angle_beta   112.180
_cell.angle_gamma   90.000
#
_symmetry.space_group_name_H-M   'P 1 21 1'
#
loop_
_entity.id
_entity.type
_entity.pdbx_description
1 polymer 'thioredoxin-like protein'
2 non-polymer 'CHLORIDE ION'
3 water water
#
_entity_poly.entity_id   1
_entity_poly.type   'polypeptide(L)'
_entity_poly.pdbx_seq_one_letter_code
;GKLTEGVNPGDLAPRIEFLGNDAKASFHNQLGRYTLLNFWAAYDAESRARNVQLANEVNKFGPDKIA(MSE)CSIS
(MSE)DEKESIFTETVKIDKLDLSTQFHEGLGKESELYKKYDLRKGFKNFLINDEGVIIAANVTPEKLTEILKAI
;
_entity_poly.pdbx_strand_id   A
#
loop_
_chem_comp.id
_chem_comp.type
_chem_comp.name
_chem_comp.formula
CL non-polymer 'CHLORIDE ION' 'Cl -1'
#
# COMPACT_ATOMS: atom_id res chain seq x y z
N LYS A 2 10.83 8.81 21.31
CA LYS A 2 11.11 7.42 20.91
C LYS A 2 10.80 7.17 19.42
N LEU A 3 9.65 7.66 18.91
CA LEU A 3 9.31 7.46 17.50
C LEU A 3 9.49 8.73 16.69
N THR A 4 9.72 8.59 15.38
CA THR A 4 9.80 9.71 14.43
C THR A 4 9.02 9.35 13.16
N GLU A 5 8.39 10.35 12.52
CA GLU A 5 7.68 10.14 11.25
C GLU A 5 8.71 10.02 10.13
N GLY A 6 8.52 9.05 9.25
CA GLY A 6 9.41 8.79 8.13
C GLY A 6 9.00 7.59 7.31
N VAL A 7 9.89 7.13 6.41
CA VAL A 7 9.61 5.98 5.52
C VAL A 7 10.56 4.81 5.79
N ASN A 8 11.32 4.86 6.88
CA ASN A 8 12.20 3.77 7.23
C ASN A 8 11.54 2.84 8.22
N PRO A 9 11.91 1.55 8.26
CA PRO A 9 11.34 0.65 9.27
C PRO A 9 11.68 1.16 10.65
N GLY A 10 10.69 1.13 11.52
CA GLY A 10 10.84 1.68 12.86
C GLY A 10 10.26 3.08 12.93
N ASP A 11 9.95 3.71 11.78
CA ASP A 11 9.35 5.05 11.77
C ASP A 11 7.85 4.99 11.78
N LEU A 12 7.22 6.08 12.20
CA LEU A 12 5.77 6.26 12.13
C LEU A 12 5.43 6.55 10.72
N ALA A 13 4.57 5.77 10.08
CA ALA A 13 4.22 6.02 8.68
C ALA A 13 3.47 7.36 8.57
N PRO A 14 3.83 8.23 7.59
CA PRO A 14 3.09 9.49 7.42
C PRO A 14 1.59 9.23 7.23
N ARG A 15 0.73 9.97 7.93
CA ARG A 15 -0.72 9.77 7.85
C ARG A 15 -1.25 10.07 6.46
N ILE A 16 -2.23 9.29 6.02
CA ILE A 16 -2.86 9.53 4.72
C ILE A 16 -4.26 10.09 4.99
N GLU A 17 -4.42 11.40 4.73
CA GLU A 17 -5.63 12.17 4.98
C GLU A 17 -6.77 11.85 4.01
N PHE A 18 -6.54 12.05 2.67
CA PHE A 18 -7.48 11.95 1.54
C PHE A 18 -8.55 10.86 1.71
N LYS A 24 -9.95 8.62 4.98
CA LYS A 24 -9.21 7.36 4.94
C LYS A 24 -9.08 6.74 6.34
N ALA A 25 -9.40 5.42 6.44
CA ALA A 25 -9.30 4.59 7.65
C ALA A 25 -7.84 4.58 8.14
N SER A 26 -7.62 4.79 9.46
CA SER A 26 -6.28 4.88 10.07
C SER A 26 -5.43 3.57 10.01
N PHE A 27 -4.11 3.70 10.22
CA PHE A 27 -3.24 2.53 10.29
C PHE A 27 -3.36 1.97 11.69
N HIS A 28 -3.42 2.88 12.69
CA HIS A 28 -3.55 2.49 14.09
C HIS A 28 -4.95 1.89 14.33
N ASN A 29 -4.99 0.81 15.12
CA ASN A 29 -6.21 0.10 15.45
C ASN A 29 -5.98 -0.71 16.72
N GLN A 30 -7.07 -1.15 17.36
CA GLN A 30 -7.03 -1.94 18.60
C GLN A 30 -7.36 -3.41 18.33
N LEU A 31 -7.08 -3.89 17.09
CA LEU A 31 -7.39 -5.26 16.69
C LEU A 31 -6.17 -6.06 16.24
N GLY A 32 -4.97 -5.50 16.36
CA GLY A 32 -3.75 -6.17 15.95
C GLY A 32 -3.61 -6.33 14.44
N ARG A 33 -4.46 -5.62 13.66
CA ARG A 33 -4.47 -5.66 12.20
C ARG A 33 -3.27 -4.87 11.62
N TYR A 34 -2.61 -5.47 10.63
CA TYR A 34 -1.49 -4.85 9.92
C TYR A 34 -2.00 -4.25 8.62
N THR A 35 -1.28 -3.25 8.08
CA THR A 35 -1.64 -2.64 6.79
C THR A 35 -0.47 -2.79 5.81
N LEU A 36 -0.79 -3.25 4.62
CA LEU A 36 0.13 -3.29 3.50
C LEU A 36 -0.20 -2.05 2.66
N LEU A 37 0.67 -1.03 2.78
CA LEU A 37 0.55 0.21 2.02
C LEU A 37 1.37 0.06 0.76
N ASN A 38 0.73 0.11 -0.42
CA ASN A 38 1.46 -0.04 -1.66
C ASN A 38 1.19 1.09 -2.65
N PHE A 39 2.24 1.64 -3.25
CA PHE A 39 2.16 2.70 -4.26
C PHE A 39 2.50 2.12 -5.58
N TRP A 40 1.70 2.46 -6.59
CA TRP A 40 1.89 2.00 -7.95
C TRP A 40 1.24 2.99 -8.92
N ALA A 41 1.45 2.77 -10.22
CA ALA A 41 0.83 3.54 -11.30
C ALA A 41 0.84 2.68 -12.56
N ALA A 42 -0.21 2.79 -13.39
CA ALA A 42 -0.31 2.06 -14.66
C ALA A 42 0.90 2.36 -15.57
N TYR A 43 1.48 3.59 -15.48
CA TYR A 43 2.65 4.00 -16.26
C TYR A 43 3.98 3.34 -15.77
N ASP A 44 3.95 2.62 -14.62
CA ASP A 44 5.13 1.89 -14.13
C ASP A 44 4.75 0.42 -14.12
N ALA A 45 5.13 -0.27 -15.19
CA ALA A 45 4.80 -1.68 -15.46
C ALA A 45 5.11 -2.58 -14.28
N GLU A 46 6.30 -2.41 -13.68
CA GLU A 46 6.78 -3.19 -12.53
C GLU A 46 5.88 -3.00 -11.30
N SER A 47 5.52 -1.75 -10.97
CA SER A 47 4.65 -1.46 -9.80
C SER A 47 3.28 -2.09 -10.03
N ARG A 48 2.79 -2.01 -11.27
CA ARG A 48 1.49 -2.60 -11.62
C ARG A 48 1.51 -4.11 -11.41
N ALA A 49 2.57 -4.81 -11.86
CA ALA A 49 2.63 -6.28 -11.68
C ALA A 49 2.78 -6.64 -10.18
N ARG A 50 3.58 -5.88 -9.40
CA ARG A 50 3.73 -6.14 -7.95
C ARG A 50 2.40 -5.97 -7.23
N ASN A 51 1.62 -4.97 -7.67
CA ASN A 51 0.31 -4.69 -7.11
C ASN A 51 -0.64 -5.90 -7.19
N VAL A 52 -0.70 -6.54 -8.38
CA VAL A 52 -1.53 -7.73 -8.63
C VAL A 52 -1.07 -8.86 -7.74
N GLN A 53 0.26 -9.09 -7.65
CA GLN A 53 0.80 -10.19 -6.86
C GLN A 53 0.55 -9.97 -5.39
N LEU A 54 0.75 -8.75 -4.90
CA LEU A 54 0.47 -8.44 -3.47
C LEU A 54 -1.03 -8.57 -3.14
N ALA A 55 -1.93 -7.97 -3.96
CA ALA A 55 -3.38 -8.04 -3.71
C ALA A 55 -3.85 -9.50 -3.66
N ASN A 56 -3.35 -10.38 -4.55
CA ASN A 56 -3.77 -11.78 -4.53
CA ASN A 56 -3.66 -11.82 -4.58
C ASN A 56 -3.16 -12.51 -3.30
N GLU A 57 -1.99 -12.10 -2.81
CA GLU A 57 -1.42 -12.70 -1.61
C GLU A 57 -2.25 -12.35 -0.36
N VAL A 58 -2.74 -11.10 -0.26
CA VAL A 58 -3.53 -10.59 0.87
C VAL A 58 -4.86 -11.34 0.94
N ASN A 59 -5.41 -11.75 -0.22
CA ASN A 59 -6.65 -12.53 -0.30
C ASN A 59 -6.52 -13.90 0.41
N LYS A 60 -5.29 -14.37 0.69
CA LYS A 60 -5.08 -15.65 1.40
C LYS A 60 -5.38 -15.50 2.90
N PHE A 61 -5.36 -14.24 3.42
CA PHE A 61 -5.61 -13.93 4.83
C PHE A 61 -6.95 -13.21 5.06
N GLY A 62 -7.43 -13.27 6.29
CA GLY A 62 -8.66 -12.59 6.68
C GLY A 62 -8.52 -11.09 6.85
N PRO A 63 -9.66 -10.34 6.83
CA PRO A 63 -9.60 -8.88 7.01
C PRO A 63 -9.07 -8.45 8.38
N ASP A 64 -9.15 -9.35 9.37
CA ASP A 64 -8.70 -9.15 10.74
C ASP A 64 -7.20 -9.15 10.88
N LYS A 65 -6.49 -9.90 10.02
CA LYS A 65 -5.04 -10.00 10.07
C LYS A 65 -4.33 -8.88 9.29
N ILE A 66 -4.81 -8.59 8.08
CA ILE A 66 -4.14 -7.61 7.22
C ILE A 66 -5.10 -6.86 6.33
N ALA A 67 -4.85 -5.58 6.15
CA ALA A 67 -5.62 -4.79 5.21
C ALA A 67 -4.67 -4.29 4.12
N MSE A 68 -5.11 -4.36 2.90
CA MSE A 68 -4.30 -3.85 1.81
C MSE A 68 -4.80 -2.46 1.47
O MSE A 68 -5.99 -2.27 1.25
CB MSE A 68 -4.39 -4.77 0.61
CG MSE A 68 -3.94 -4.10 -0.66
SE MSE A 68 -2.70 -5.21 -1.53
CE MSE A 68 -1.22 -4.05 -1.64
N CYS A 69 -3.89 -1.53 1.32
CA CYS A 69 -4.15 -0.18 0.92
C CYS A 69 -3.25 0.14 -0.28
N SER A 70 -3.77 -0.05 -1.49
CA SER A 70 -3.02 0.18 -2.74
CA SER A 70 -2.99 0.17 -2.71
C SER A 70 -3.39 1.52 -3.30
N ILE A 71 -2.43 2.42 -3.45
CA ILE A 71 -2.75 3.75 -3.95
C ILE A 71 -2.13 3.98 -5.32
N SER A 72 -2.98 4.20 -6.35
CA SER A 72 -2.53 4.50 -7.70
C SER A 72 -2.19 5.98 -7.78
N MSE A 73 -1.04 6.27 -8.42
CA MSE A 73 -0.53 7.63 -8.60
C MSE A 73 -0.75 8.13 -10.05
O MSE A 73 -0.19 9.15 -10.44
CB MSE A 73 0.95 7.71 -8.19
CG MSE A 73 1.17 7.44 -6.71
SE MSE A 73 0.34 8.88 -5.66
CE MSE A 73 0.14 8.04 -4.14
N ASP A 74 -1.62 7.44 -10.81
CA ASP A 74 -2.00 7.87 -12.16
C ASP A 74 -2.86 9.12 -12.02
N GLU A 75 -2.59 10.16 -12.83
CA GLU A 75 -3.34 11.42 -12.77
C GLU A 75 -4.84 11.24 -13.15
N LYS A 76 -5.14 10.43 -14.18
CA LYS A 76 -6.52 10.22 -14.65
C LYS A 76 -7.21 9.09 -13.89
N GLU A 77 -8.44 9.36 -13.41
CA GLU A 77 -9.30 8.43 -12.67
C GLU A 77 -9.74 7.27 -13.59
N SER A 78 -9.96 7.57 -14.89
CA SER A 78 -10.38 6.61 -15.90
C SER A 78 -9.29 5.57 -16.14
N ILE A 79 -8.00 5.99 -16.07
CA ILE A 79 -6.85 5.10 -16.21
C ILE A 79 -6.80 4.15 -14.98
N PHE A 80 -7.05 4.69 -13.77
CA PHE A 80 -7.09 3.87 -12.54
C PHE A 80 -8.23 2.84 -12.61
N THR A 81 -9.42 3.28 -13.00
CA THR A 81 -10.64 2.46 -13.10
C THR A 81 -10.45 1.30 -14.08
N GLU A 82 -10.04 1.59 -15.32
CA GLU A 82 -9.81 0.60 -16.39
C GLU A 82 -8.74 -0.43 -15.98
N THR A 83 -7.61 0.04 -15.38
CA THR A 83 -6.48 -0.81 -14.96
C THR A 83 -6.91 -1.79 -13.86
N VAL A 84 -7.59 -1.31 -12.81
CA VAL A 84 -8.05 -2.13 -11.68
C VAL A 84 -9.08 -3.18 -12.19
N LYS A 85 -9.90 -2.81 -13.19
CA LYS A 85 -10.87 -3.70 -13.84
C LYS A 85 -10.11 -4.78 -14.64
N ILE A 86 -9.14 -4.39 -15.48
CA ILE A 86 -8.31 -5.32 -16.28
C ILE A 86 -7.53 -6.30 -15.38
N ASP A 87 -6.95 -5.79 -14.27
CA ASP A 87 -6.12 -6.57 -13.36
C ASP A 87 -6.96 -7.41 -12.38
N LYS A 88 -8.29 -7.21 -12.38
CA LYS A 88 -9.31 -7.94 -11.58
C LYS A 88 -8.99 -7.88 -10.08
N LEU A 89 -8.62 -6.70 -9.60
CA LEU A 89 -8.29 -6.54 -8.18
C LEU A 89 -9.50 -6.17 -7.33
N ASP A 90 -9.47 -6.59 -6.05
CA ASP A 90 -10.48 -6.29 -5.04
C ASP A 90 -10.62 -4.77 -4.95
N LEU A 91 -11.76 -4.22 -5.39
CA LEU A 91 -11.96 -2.77 -5.39
C LEU A 91 -11.92 -2.16 -4.01
N SER A 92 -12.16 -2.94 -2.93
CA SER A 92 -12.14 -2.39 -1.58
CA SER A 92 -12.11 -2.43 -1.55
C SER A 92 -10.70 -1.99 -1.15
N THR A 93 -9.67 -2.55 -1.80
CA THR A 93 -8.26 -2.30 -1.48
C THR A 93 -7.52 -1.35 -2.48
N GLN A 94 -8.24 -0.83 -3.49
CA GLN A 94 -7.62 0.00 -4.51
C GLN A 94 -8.12 1.42 -4.39
N PHE A 95 -7.17 2.35 -4.19
CA PHE A 95 -7.45 3.77 -3.98
C PHE A 95 -6.68 4.58 -4.99
N HIS A 96 -7.19 5.77 -5.25
CA HIS A 96 -6.64 6.64 -6.26
C HIS A 96 -6.36 8.04 -5.73
N GLU A 97 -5.10 8.47 -5.87
CA GLU A 97 -4.67 9.83 -5.56
C GLU A 97 -4.60 10.54 -6.92
N GLY A 98 -5.61 11.38 -7.18
CA GLY A 98 -5.79 12.10 -8.43
C GLY A 98 -4.75 13.13 -8.78
N LEU A 99 -4.00 13.63 -7.78
CA LEU A 99 -2.96 14.65 -7.99
C LEU A 99 -1.61 14.06 -8.49
N GLY A 100 -1.41 12.75 -8.30
CA GLY A 100 -0.20 12.06 -8.75
C GLY A 100 1.09 12.58 -8.16
N LYS A 101 2.08 12.90 -9.03
CA LYS A 101 3.40 13.46 -8.65
C LYS A 101 3.27 14.76 -7.87
N GLU A 102 2.23 15.56 -8.19
CA GLU A 102 1.98 16.85 -7.55
C GLU A 102 1.36 16.71 -6.15
N SER A 103 1.02 15.47 -5.70
CA SER A 103 0.41 15.29 -4.39
C SER A 103 1.43 15.32 -3.24
N GLU A 104 0.95 15.73 -2.05
CA GLU A 104 1.74 15.82 -0.82
C GLU A 104 2.20 14.43 -0.42
N LEU A 105 1.36 13.43 -0.72
CA LEU A 105 1.58 12.01 -0.46
C LEU A 105 2.83 11.51 -1.17
N TYR A 106 2.92 11.79 -2.48
CA TYR A 106 4.05 11.43 -3.34
C TYR A 106 5.36 11.97 -2.72
N LYS A 107 5.36 13.24 -2.27
CA LYS A 107 6.53 13.84 -1.64
C LYS A 107 6.78 13.24 -0.25
N LYS A 108 5.72 13.03 0.57
CA LYS A 108 5.81 12.47 1.93
C LYS A 108 6.39 11.04 1.94
N TYR A 109 6.07 10.23 0.93
CA TYR A 109 6.59 8.86 0.90
C TYR A 109 7.84 8.71 0.04
N ASP A 110 8.45 9.84 -0.38
CA ASP A 110 9.67 9.92 -1.19
C ASP A 110 9.55 9.03 -2.44
N LEU A 111 8.38 9.13 -3.12
CA LEU A 111 8.08 8.28 -4.29
C LEU A 111 8.86 8.67 -5.52
N ARG A 112 9.68 9.75 -5.46
CA ARG A 112 10.57 10.15 -6.56
C ARG A 112 11.71 9.12 -6.68
N LYS A 113 11.98 8.39 -5.58
CA LYS A 113 13.00 7.35 -5.46
C LYS A 113 12.44 6.01 -5.99
N GLY A 114 11.15 6.00 -6.33
CA GLY A 114 10.47 4.85 -6.89
C GLY A 114 9.27 4.39 -6.09
N PHE A 115 8.38 3.65 -6.75
CA PHE A 115 7.19 3.07 -6.14
C PHE A 115 7.62 1.99 -5.17
N LYS A 116 7.04 2.02 -3.98
CA LYS A 116 7.43 1.21 -2.85
C LYS A 116 6.18 0.72 -2.11
N ASN A 117 6.36 -0.27 -1.23
CA ASN A 117 5.32 -0.77 -0.34
C ASN A 117 5.88 -0.78 1.09
N PHE A 118 4.98 -0.75 2.06
CA PHE A 118 5.33 -0.73 3.47
C PHE A 118 4.37 -1.58 4.26
N LEU A 119 4.90 -2.44 5.11
CA LEU A 119 4.10 -3.21 6.04
C LEU A 119 4.07 -2.39 7.36
N ILE A 120 2.88 -1.90 7.70
CA ILE A 120 2.63 -1.05 8.86
C ILE A 120 1.87 -1.86 9.92
N ASN A 121 2.34 -1.84 11.19
CA ASN A 121 1.70 -2.57 12.28
C ASN A 121 0.49 -1.78 12.82
N ASP A 122 -0.21 -2.31 13.83
CA ASP A 122 -1.44 -1.74 14.42
C ASP A 122 -1.18 -0.42 15.19
N GLU A 123 0.09 -0.04 15.36
CA GLU A 123 0.50 1.19 16.02
C GLU A 123 1.00 2.24 15.00
N GLY A 124 0.80 1.96 13.71
CA GLY A 124 1.20 2.86 12.62
C GLY A 124 2.70 2.96 12.38
N VAL A 125 3.45 1.95 12.82
CA VAL A 125 4.90 1.91 12.70
C VAL A 125 5.27 1.01 11.52
N ILE A 126 6.21 1.48 10.66
CA ILE A 126 6.67 0.65 9.51
C ILE A 126 7.50 -0.48 10.09
N ILE A 127 7.13 -1.74 9.83
CA ILE A 127 7.91 -2.86 10.34
C ILE A 127 8.70 -3.55 9.19
N ALA A 128 8.34 -3.25 7.93
CA ALA A 128 9.00 -3.81 6.74
C ALA A 128 8.76 -2.91 5.53
N ALA A 129 9.68 -2.91 4.57
CA ALA A 129 9.60 -2.10 3.36
C ALA A 129 9.84 -3.00 2.17
N ASN A 130 9.23 -2.68 1.02
CA ASN A 130 9.35 -3.44 -0.25
C ASN A 130 9.24 -4.93 -0.02
N VAL A 131 8.14 -5.38 0.60
CA VAL A 131 7.95 -6.78 0.90
CA VAL A 131 7.94 -6.80 0.90
C VAL A 131 7.44 -7.50 -0.38
N THR A 132 7.88 -8.73 -0.58
CA THR A 132 7.48 -9.57 -1.70
C THR A 132 6.24 -10.32 -1.24
N PRO A 133 5.43 -10.92 -2.14
CA PRO A 133 4.29 -11.71 -1.65
C PRO A 133 4.74 -12.82 -0.69
N GLU A 134 5.86 -13.49 -1.05
CA GLU A 134 6.46 -14.60 -0.31
C GLU A 134 6.88 -14.15 1.10
N LYS A 135 7.64 -13.05 1.21
CA LYS A 135 8.05 -12.51 2.53
C LYS A 135 6.85 -11.99 3.31
N LEU A 136 5.82 -11.40 2.64
CA LEU A 136 4.63 -10.91 3.35
C LEU A 136 3.94 -12.08 4.09
N THR A 137 3.77 -13.22 3.43
CA THR A 137 3.15 -14.42 3.99
C THR A 137 3.98 -14.97 5.18
N GLU A 138 5.32 -15.06 5.02
CA GLU A 138 6.24 -15.53 6.07
C GLU A 138 6.15 -14.63 7.30
N ILE A 139 6.01 -13.31 7.09
CA ILE A 139 5.88 -12.34 8.19
C ILE A 139 4.49 -12.48 8.88
N LEU A 140 3.41 -12.54 8.10
CA LEU A 140 2.04 -12.63 8.63
C LEU A 140 1.78 -13.96 9.37
N LYS A 141 2.55 -15.03 9.06
CA LYS A 141 2.38 -16.35 9.67
C LYS A 141 3.24 -16.55 10.93
N ALA A 142 4.05 -15.53 11.28
CA ALA A 142 4.91 -15.55 12.47
C ALA A 142 4.57 -14.40 13.41
CL CL B . -3.41 6.83 8.19
#